data_4N4L
#
_entry.id   4N4L
#
_cell.length_a   130.000
_cell.length_b   130.000
_cell.length_c   130.000
_cell.angle_alpha   90.00
_cell.angle_beta   90.00
_cell.angle_gamma   90.00
#
_symmetry.space_group_name_H-M   'P 21 3'
#
loop_
_entity.id
_entity.type
_entity.pdbx_description
1 polymer 'hydroxylamine oxidoreductase'
2 non-polymer 'PHOSPHATE ION'
3 non-polymer 1,2-ETHANEDIOL
4 non-polymer hydrazine
5 non-polymer 'HEME C'
6 non-polymer 1-[(4-cyclohexylbutanoyl)(2-hydroxyethyl)amino]-1-deoxy-D-glucitol
7 water water
#
_entity_poly.entity_id   1
_entity_poly.type   'polypeptide(L)'
_entity_poly.pdbx_seq_one_letter_code
;EGPTFQDVASQVFGQPVGPDNDGTLYIFGLTAKYTEPEYVDGRGPYKSFLKMLPSIRWYDPEHYWTNGSQTEGVFKNEEC
VLCHTVQTPTIVNDWKQSSHGSKDIRRGIGIKKDGKPVEDLVGCADCHGNNHQKLEMPTYKLCNDCHPKETAEHRAGGLG
SHTHAYTVNVLEFSWHVGKPAEEVTGCAHCHAIAENRCSGCHTRHKFDPAEARKPTACRVCHMGIDHDEWAMYNTSIHGA
LYEAESARMDWGKKLKKGNYRVPTCAYCHMQNGDHNPQRFGTIYSDMGMFQVDRGAPKHKAKRDSWIKLCQDCHSPRFAA
DKLKEMDAGVNLSFTKWREAAAVIVGCYLDGVVDPMPEGSAPDWYGHYTFSLLPGGDPRFYATSNLERLGLEMICYLTGN
VYKAYAHMSMYNQTYGNGSAFEQDRKLVEIKTEAAKLRRFAAIEKKIGLEHKSADFWKHGEYLDLLPGWKRKPGDVDVEW
FKRTDIPHRANADAGVEIHH
;
_entity_poly.pdbx_strand_id   A
#
# COMPACT_ATOMS: atom_id res chain seq x y z
N GLY A 2 34.44 -3.43 24.07
CA GLY A 2 34.55 -4.86 23.62
C GLY A 2 34.27 -5.00 22.13
N PRO A 3 34.71 -6.11 21.52
CA PRO A 3 34.47 -6.27 20.08
C PRO A 3 33.00 -6.44 19.71
N THR A 4 32.59 -5.77 18.64
CA THR A 4 31.28 -5.96 18.05
C THR A 4 31.32 -7.16 17.13
N PHE A 5 30.16 -7.54 16.61
CA PHE A 5 30.07 -8.59 15.59
C PHE A 5 31.02 -8.27 14.44
N GLN A 6 31.01 -7.01 14.00
CA GLN A 6 31.86 -6.56 12.89
C GLN A 6 33.34 -6.73 13.21
N ASP A 7 33.74 -6.38 14.42
CA ASP A 7 35.14 -6.51 14.84
C ASP A 7 35.60 -7.96 14.80
N VAL A 8 34.76 -8.87 15.33
CA VAL A 8 35.08 -10.29 15.35
C VAL A 8 35.16 -10.84 13.92
N ALA A 9 34.16 -10.51 13.10
CA ALA A 9 34.15 -10.89 11.70
C ALA A 9 35.40 -10.40 10.97
N SER A 10 35.79 -9.16 11.26
CA SER A 10 36.97 -8.57 10.63
C SER A 10 38.23 -9.36 10.95
N GLN A 11 38.33 -9.82 12.19
CA GLN A 11 39.49 -10.57 12.68
C GLN A 11 39.55 -11.97 12.05
N VAL A 12 38.38 -12.49 11.68
CA VAL A 12 38.27 -13.81 11.07
C VAL A 12 38.46 -13.78 9.55
N PHE A 13 37.95 -12.75 8.89
CA PHE A 13 37.97 -12.67 7.43
C PHE A 13 39.09 -11.80 6.84
N GLY A 14 39.77 -11.03 7.68
CA GLY A 14 40.86 -10.17 7.24
C GLY A 14 40.39 -8.98 6.41
N GLN A 15 39.15 -8.57 6.63
CA GLN A 15 38.63 -7.34 6.02
C GLN A 15 38.37 -6.36 7.15
N PRO A 16 38.93 -5.14 7.05
CA PRO A 16 38.71 -4.15 8.11
C PRO A 16 37.25 -3.78 8.31
N VAL A 17 36.91 -3.42 9.55
CA VAL A 17 35.60 -2.87 9.84
C VAL A 17 35.53 -1.49 9.18
N GLY A 18 34.35 -1.13 8.69
CA GLY A 18 34.18 0.20 8.12
C GLY A 18 32.73 0.58 7.94
N PRO A 19 32.48 1.84 7.56
CA PRO A 19 31.11 2.27 7.33
C PRO A 19 30.54 1.64 6.08
N ASP A 20 29.28 1.24 6.14
CA ASP A 20 28.61 0.62 4.99
C ASP A 20 28.64 1.49 3.73
N ASN A 21 28.69 2.80 3.92
CA ASN A 21 28.53 3.73 2.79
C ASN A 21 29.82 4.15 2.08
N ASP A 22 30.98 3.57 2.45
CA ASP A 22 32.26 4.05 1.87
C ASP A 22 32.67 3.40 0.55
N GLY A 23 31.85 2.46 0.05
CA GLY A 23 32.09 1.88 -1.27
C GLY A 23 32.82 0.55 -1.26
N THR A 24 33.35 0.18 -0.09
CA THR A 24 33.98 -1.12 0.11
C THR A 24 32.98 -2.23 -0.22
N LEU A 25 33.47 -3.29 -0.86
CA LEU A 25 32.69 -4.50 -1.08
C LEU A 25 32.90 -5.39 0.14
N TYR A 26 31.92 -5.35 1.04
CA TYR A 26 32.00 -6.10 2.30
C TYR A 26 31.57 -7.55 2.14
N ILE A 27 32.50 -8.46 2.48
CA ILE A 27 32.27 -9.90 2.37
C ILE A 27 31.09 -10.30 3.25
N PHE A 28 30.00 -10.73 2.61
CA PHE A 28 28.71 -11.03 3.26
C PHE A 28 28.19 -9.91 4.17
N GLY A 29 28.62 -8.68 3.90
CA GLY A 29 28.28 -7.53 4.74
C GLY A 29 28.66 -7.65 6.21
N LEU A 30 29.62 -8.52 6.51
CA LEU A 30 29.89 -8.88 7.90
C LEU A 30 30.62 -7.79 8.70
N THR A 31 31.51 -7.04 8.07
CA THR A 31 32.32 -6.05 8.78
C THR A 31 31.86 -4.60 8.57
N ALA A 32 30.72 -4.42 7.90
CA ALA A 32 30.17 -3.10 7.63
C ALA A 32 29.34 -2.61 8.81
N LYS A 33 29.50 -1.33 9.12
CA LYS A 33 28.72 -0.67 10.17
C LYS A 33 27.61 0.13 9.54
N TYR A 34 26.42 0.05 10.12
CA TYR A 34 25.28 0.81 9.63
C TYR A 34 25.51 2.29 9.85
N THR A 35 25.23 3.09 8.82
CA THR A 35 25.18 4.53 8.95
C THR A 35 23.77 5.00 8.61
N GLU A 36 23.34 6.03 9.32
CA GLU A 36 22.04 6.62 9.08
C GLU A 36 22.13 7.44 7.79
N PRO A 37 21.25 7.17 6.81
CA PRO A 37 21.19 8.04 5.64
C PRO A 37 20.75 9.44 6.03
N GLU A 38 21.03 10.42 5.17
CA GLU A 38 20.48 11.75 5.34
C GLU A 38 18.97 11.66 5.21
N TYR A 39 18.27 12.29 6.14
CA TYR A 39 16.83 12.32 6.17
C TYR A 39 16.30 13.74 6.06
N VAL A 40 15.02 13.84 5.73
CA VAL A 40 14.25 15.05 6.00
C VAL A 40 13.14 14.66 6.97
N ASP A 41 12.54 15.65 7.65
CA ASP A 41 11.47 15.36 8.59
C ASP A 41 10.22 14.91 7.84
N GLY A 42 9.57 13.89 8.39
CA GLY A 42 8.28 13.44 7.88
C GLY A 42 7.16 14.30 8.42
N ARG A 43 6.01 14.21 7.76
CA ARG A 43 4.84 14.98 8.13
C ARG A 43 3.90 14.11 8.98
N GLY A 44 2.78 14.69 9.39
CA GLY A 44 1.75 13.93 10.08
C GLY A 44 1.87 13.96 11.59
N PRO A 45 1.07 13.14 12.27
CA PRO A 45 1.00 13.18 13.73
C PRO A 45 2.28 12.73 14.44
N TYR A 46 3.13 11.97 13.74
CA TYR A 46 4.38 11.51 14.33
C TYR A 46 5.61 12.27 13.80
N LYS A 47 5.37 13.51 13.36
CA LYS A 47 6.40 14.40 12.84
C LYS A 47 7.58 14.66 13.80
N SER A 48 7.38 14.41 15.10
CA SER A 48 8.47 14.60 16.06
C SER A 48 9.64 13.64 15.81
N PHE A 49 9.35 12.46 15.26
CA PHE A 49 10.40 11.49 14.94
C PHE A 49 10.34 10.87 13.54
N LEU A 50 9.21 10.97 12.84
CA LEU A 50 9.10 10.38 11.50
C LEU A 50 10.07 11.06 10.55
N LYS A 51 10.77 10.25 9.75
CA LYS A 51 11.69 10.75 8.75
C LYS A 51 11.31 10.23 7.37
N MET A 52 11.85 10.90 6.35
CA MET A 52 11.74 10.46 4.96
C MET A 52 13.11 10.62 4.34
N LEU A 53 13.40 9.83 3.30
CA LEU A 53 14.55 10.11 2.46
C LEU A 53 14.22 11.37 1.64
N PRO A 54 15.24 12.17 1.27
CA PRO A 54 14.99 13.42 0.55
C PRO A 54 14.24 13.26 -0.76
N SER A 55 14.27 12.06 -1.33
CA SER A 55 13.56 11.78 -2.58
C SER A 55 12.03 11.85 -2.45
N ILE A 56 11.53 12.04 -1.24
CA ILE A 56 10.12 12.35 -1.03
C ILE A 56 9.71 13.62 -1.81
N ARG A 57 10.69 14.43 -2.21
CA ARG A 57 10.45 15.62 -3.03
C ARG A 57 9.53 15.38 -4.24
N TRP A 58 9.62 14.20 -4.84
CA TRP A 58 8.88 13.92 -6.08
C TRP A 58 7.42 13.55 -5.82
N TYR A 59 7.14 13.10 -4.59
CA TYR A 59 5.87 12.44 -4.25
C TYR A 59 4.98 13.28 -3.32
N ASP A 60 5.59 14.12 -2.50
CA ASP A 60 4.88 15.14 -1.73
C ASP A 60 5.54 16.48 -2.06
N PRO A 61 5.49 16.90 -3.34
CA PRO A 61 6.21 18.09 -3.77
C PRO A 61 5.74 19.38 -3.12
N GLU A 62 4.46 19.47 -2.75
CA GLU A 62 3.98 20.70 -2.10
C GLU A 62 4.76 21.01 -0.83
N HIS A 63 5.22 19.98 -0.13
CA HIS A 63 5.94 20.17 1.13
C HIS A 63 7.46 19.98 1.05
N TYR A 64 7.97 19.38 -0.03
CA TYR A 64 9.40 19.03 -0.10
C TYR A 64 10.13 19.44 -1.39
N TRP A 65 9.41 19.84 -2.44
CA TRP A 65 10.04 20.15 -3.71
C TRP A 65 10.87 21.43 -3.61
N THR A 66 12.09 21.36 -4.14
CA THR A 66 12.96 22.53 -4.25
C THR A 66 13.67 22.47 -5.60
N ASN A 67 14.12 23.64 -6.05
CA ASN A 67 14.95 23.71 -7.24
C ASN A 67 16.20 22.86 -7.05
N GLY A 68 16.49 21.99 -8.01
CA GLY A 68 17.74 21.22 -8.01
C GLY A 68 18.33 21.07 -9.39
N SER A 69 18.03 22.00 -10.28
CA SER A 69 18.48 21.95 -11.66
C SER A 69 19.74 22.79 -11.84
N GLN A 70 20.57 22.41 -12.80
CA GLN A 70 21.79 23.15 -13.12
C GLN A 70 21.61 24.03 -14.37
N THR A 71 20.47 23.87 -15.05
CA THR A 71 20.19 24.61 -16.26
C THR A 71 19.43 25.89 -15.91
N GLU A 72 19.89 27.02 -16.45
CA GLU A 72 19.29 28.32 -16.18
C GLU A 72 18.64 28.90 -17.43
N GLY A 73 17.60 29.71 -17.23
CA GLY A 73 16.93 30.40 -18.32
C GLY A 73 15.42 30.37 -18.20
N VAL A 74 14.78 31.31 -18.88
CA VAL A 74 13.34 31.35 -19.01
C VAL A 74 13.02 31.02 -20.46
N PHE A 75 12.26 29.96 -20.67
CA PHE A 75 12.06 29.41 -22.01
C PHE A 75 10.60 29.31 -22.42
N LYS A 76 10.36 29.34 -23.73
CA LYS A 76 9.04 29.08 -24.29
C LYS A 76 8.86 27.58 -24.43
N ASN A 77 7.61 27.13 -24.46
CA ASN A 77 7.28 25.71 -24.64
C ASN A 77 8.13 25.02 -25.70
N GLU A 78 8.26 25.68 -26.84
CA GLU A 78 8.93 25.12 -28.01
C GLU A 78 10.41 24.89 -27.71
N GLU A 79 10.99 25.76 -26.91
CA GLU A 79 12.39 25.62 -26.49
C GLU A 79 12.58 24.45 -25.52
N CYS A 80 11.63 24.28 -24.60
CA CYS A 80 11.62 23.08 -23.74
C CYS A 80 11.73 21.82 -24.59
N VAL A 81 10.92 21.75 -25.64
CA VAL A 81 10.84 20.57 -26.50
C VAL A 81 12.15 20.34 -27.28
N LEU A 82 12.69 21.40 -27.87
CA LEU A 82 13.91 21.28 -28.68
C LEU A 82 15.06 20.70 -27.88
N CYS A 83 15.27 21.20 -26.68
CA CYS A 83 16.39 20.75 -25.86
C CYS A 83 16.14 19.38 -25.25
N HIS A 84 14.93 19.15 -24.75
CA HIS A 84 14.60 17.86 -24.16
C HIS A 84 14.49 16.73 -25.17
N THR A 85 14.34 17.07 -26.45
CA THR A 85 14.44 16.08 -27.52
C THR A 85 15.80 15.39 -27.45
N VAL A 86 16.84 16.16 -27.13
CA VAL A 86 18.19 15.64 -26.94
C VAL A 86 18.37 15.11 -25.52
N GLN A 87 17.91 15.86 -24.52
CA GLN A 87 18.29 15.60 -23.12
C GLN A 87 17.47 14.53 -22.39
N THR A 88 16.18 14.42 -22.73
CA THR A 88 15.30 13.39 -22.16
C THR A 88 14.33 12.94 -23.26
N PRO A 89 14.85 12.29 -24.31
CA PRO A 89 14.06 12.10 -25.53
C PRO A 89 12.69 11.47 -25.34
N THR A 90 12.58 10.46 -24.49
CA THR A 90 11.31 9.73 -24.33
C THR A 90 10.21 10.59 -23.72
N ILE A 91 10.56 11.53 -22.86
CA ILE A 91 9.57 12.46 -22.32
C ILE A 91 8.93 13.27 -23.44
N VAL A 92 9.75 13.78 -24.36
CA VAL A 92 9.24 14.50 -25.53
C VAL A 92 8.41 13.58 -26.43
N ASN A 93 8.90 12.37 -26.66
CA ASN A 93 8.19 11.40 -27.51
C ASN A 93 6.81 11.09 -26.93
N ASP A 94 6.77 10.82 -25.62
CA ASP A 94 5.52 10.61 -24.89
C ASP A 94 4.58 11.80 -25.09
N TRP A 95 5.10 12.99 -24.83
CA TRP A 95 4.31 14.22 -24.90
C TRP A 95 3.77 14.48 -26.32
N LYS A 96 4.58 14.23 -27.33
CA LYS A 96 4.14 14.38 -28.73
C LYS A 96 3.07 13.37 -29.12
N GLN A 97 2.99 12.26 -28.38
CA GLN A 97 1.98 11.23 -28.60
C GLN A 97 0.80 11.38 -27.64
N SER A 98 0.76 12.50 -26.91
CA SER A 98 -0.35 12.81 -26.00
C SER A 98 -1.22 13.90 -26.61
N SER A 99 -2.49 13.93 -26.23
CA SER A 99 -3.40 14.96 -26.73
C SER A 99 -3.01 16.35 -26.23
N HIS A 100 -2.26 16.43 -25.13
CA HIS A 100 -1.66 17.69 -24.69
C HIS A 100 -0.74 18.27 -25.76
N GLY A 101 0.06 17.40 -26.35
CA GLY A 101 1.08 17.82 -27.31
C GLY A 101 0.73 17.60 -28.77
N SER A 102 -0.47 17.07 -29.02
CA SER A 102 -0.88 16.73 -30.38
C SER A 102 -2.37 16.95 -30.58
N LYS A 103 -2.71 17.99 -31.34
CA LYS A 103 -4.12 18.31 -31.61
C LYS A 103 -4.83 17.22 -32.42
N ASP A 104 -4.09 16.54 -33.28
CA ASP A 104 -4.65 15.50 -34.15
C ASP A 104 -5.37 14.37 -33.41
N ILE A 105 -4.97 14.06 -32.18
CA ILE A 105 -5.62 12.97 -31.45
C ILE A 105 -6.60 13.48 -30.39
N ARG A 106 -6.86 14.78 -30.37
CA ARG A 106 -7.85 15.34 -29.46
C ARG A 106 -9.25 14.91 -29.88
N ARG A 107 -10.15 14.86 -28.91
CA ARG A 107 -11.51 14.38 -29.12
C ARG A 107 -12.57 15.48 -28.93
N GLY A 108 -12.12 16.72 -28.77
CA GLY A 108 -13.03 17.86 -28.59
C GLY A 108 -13.87 17.77 -27.33
N ILE A 109 -13.23 17.38 -26.23
CA ILE A 109 -13.90 17.11 -24.96
C ILE A 109 -14.53 18.37 -24.37
N GLY A 110 -13.90 19.51 -24.63
CA GLY A 110 -14.37 20.81 -24.13
C GLY A 110 -13.58 21.32 -22.93
N ILE A 111 -12.29 20.95 -22.87
CA ILE A 111 -11.42 21.34 -21.76
C ILE A 111 -11.31 22.86 -21.64
N LYS A 112 -11.46 23.35 -20.42
CA LYS A 112 -11.38 24.78 -20.12
C LYS A 112 -10.42 25.04 -18.96
N LYS A 113 -9.78 26.20 -19.00
CA LYS A 113 -8.99 26.75 -17.91
C LYS A 113 -9.52 28.16 -17.64
N ASP A 114 -9.84 28.48 -16.39
CA ASP A 114 -10.39 29.79 -16.03
C ASP A 114 -11.56 30.17 -16.94
N GLY A 115 -12.44 29.20 -17.18
CA GLY A 115 -13.64 29.42 -17.98
C GLY A 115 -13.44 29.57 -19.48
N LYS A 116 -12.20 29.46 -19.96
CA LYS A 116 -11.90 29.65 -21.37
C LYS A 116 -11.38 28.35 -21.98
N PRO A 117 -11.74 28.08 -23.25
CA PRO A 117 -11.35 26.81 -23.86
C PRO A 117 -9.84 26.71 -24.07
N VAL A 118 -9.29 25.52 -23.78
CA VAL A 118 -7.87 25.27 -24.01
C VAL A 118 -7.72 24.72 -25.41
N GLU A 119 -7.31 25.58 -26.34
CA GLU A 119 -7.21 25.22 -27.74
C GLU A 119 -5.76 25.04 -28.18
N ASP A 120 -4.81 25.59 -27.41
CA ASP A 120 -3.39 25.45 -27.72
C ASP A 120 -2.88 24.10 -27.24
N LEU A 121 -1.64 23.80 -27.63
CA LEU A 121 -0.91 22.69 -27.02
C LEU A 121 -0.73 23.00 -25.54
N VAL A 122 -0.73 21.96 -24.71
CA VAL A 122 -0.37 22.08 -23.31
C VAL A 122 1.04 21.53 -23.21
N GLY A 123 2.01 22.44 -23.10
CA GLY A 123 3.43 22.09 -23.26
C GLY A 123 4.14 21.93 -21.94
N CYS A 124 5.43 21.62 -22.00
CA CYS A 124 6.25 21.40 -20.81
C CYS A 124 6.12 22.54 -19.82
N ALA A 125 6.16 23.78 -20.34
CA ALA A 125 6.15 24.97 -19.50
C ALA A 125 4.78 25.21 -18.86
N ASP A 126 3.72 24.77 -19.54
CA ASP A 126 2.35 24.91 -19.02
C ASP A 126 2.14 24.08 -17.76
N CYS A 127 2.86 22.96 -17.64
CA CYS A 127 2.77 22.12 -16.45
C CYS A 127 3.92 22.29 -15.46
N HIS A 128 5.10 22.72 -15.92
CA HIS A 128 6.29 22.78 -15.06
C HIS A 128 6.83 24.18 -14.78
N GLY A 129 6.26 25.19 -15.43
CA GLY A 129 6.78 26.56 -15.35
C GLY A 129 7.78 26.83 -16.46
N ASN A 130 8.06 28.12 -16.68
N ASN A 130 8.09 28.10 -16.70
CA ASN A 130 8.95 28.59 -17.76
CA ASN A 130 9.00 28.47 -17.79
C ASN A 130 10.40 28.79 -17.33
C ASN A 130 10.41 28.87 -17.35
N ASN A 131 10.61 29.04 -16.04
CA ASN A 131 11.93 29.34 -15.47
C ASN A 131 12.61 28.06 -15.00
N HIS A 132 13.74 27.73 -15.61
CA HIS A 132 14.38 26.44 -15.35
C HIS A 132 14.99 26.33 -13.95
N GLN A 133 15.09 27.45 -13.23
CA GLN A 133 15.55 27.45 -11.85
C GLN A 133 14.38 27.51 -10.87
N LYS A 134 13.16 27.52 -11.39
CA LYS A 134 11.94 27.53 -10.59
C LYS A 134 10.92 26.55 -11.17
N LEU A 135 11.39 25.36 -11.55
CA LEU A 135 10.52 24.36 -12.14
C LEU A 135 9.60 23.78 -11.07
N GLU A 136 8.43 23.36 -11.51
CA GLU A 136 7.37 22.89 -10.62
C GLU A 136 7.19 21.41 -10.82
N MET A 137 6.94 20.69 -9.73
CA MET A 137 6.66 19.26 -9.79
C MET A 137 5.22 19.09 -9.30
N PRO A 138 4.29 18.85 -10.25
CA PRO A 138 2.87 18.95 -9.94
C PRO A 138 2.26 17.79 -9.15
N THR A 139 1.06 18.06 -8.64
CA THR A 139 0.18 17.04 -8.09
C THR A 139 -1.13 17.15 -8.87
N TYR A 140 -2.17 16.46 -8.41
CA TYR A 140 -3.51 16.62 -8.98
C TYR A 140 -4.00 18.08 -8.98
N LYS A 141 -3.42 18.92 -8.12
CA LYS A 141 -3.78 20.34 -8.07
C LYS A 141 -3.66 21.01 -9.44
N LEU A 142 -2.58 20.72 -10.15
CA LEU A 142 -2.40 21.23 -11.52
C LEU A 142 -3.49 20.72 -12.45
N CYS A 143 -3.67 19.40 -12.49
CA CYS A 143 -4.63 18.80 -13.41
C CYS A 143 -6.03 19.35 -13.19
N ASN A 144 -6.35 19.67 -11.95
CA ASN A 144 -7.66 20.26 -11.60
C ASN A 144 -7.97 21.54 -12.38
N ASP A 145 -6.93 22.28 -12.75
CA ASP A 145 -7.10 23.51 -13.55
C ASP A 145 -7.91 23.26 -14.83
N CYS A 146 -7.71 22.09 -15.43
CA CYS A 146 -8.39 21.73 -16.67
C CYS A 146 -9.24 20.47 -16.64
N HIS A 147 -9.11 19.67 -15.58
CA HIS A 147 -9.87 18.42 -15.44
C HIS A 147 -10.54 18.34 -14.07
N PRO A 148 -11.47 19.26 -13.79
CA PRO A 148 -12.07 19.31 -12.46
C PRO A 148 -12.94 18.10 -12.09
N LYS A 149 -13.59 17.47 -13.07
CA LYS A 149 -14.48 16.35 -12.80
C LYS A 149 -13.67 15.17 -12.28
N GLU A 150 -12.63 14.82 -13.03
CA GLU A 150 -11.80 13.67 -12.70
C GLU A 150 -11.07 13.90 -11.38
N THR A 151 -10.62 15.14 -11.17
CA THR A 151 -9.93 15.49 -9.93
C THR A 151 -10.86 15.42 -8.72
N ALA A 152 -12.07 15.97 -8.84
CA ALA A 152 -13.03 15.93 -7.74
C ALA A 152 -13.34 14.49 -7.33
N GLU A 153 -13.54 13.62 -8.31
CA GLU A 153 -13.77 12.21 -8.05
C GLU A 153 -12.56 11.54 -7.40
N HIS A 154 -11.38 11.80 -7.94
CA HIS A 154 -10.11 11.28 -7.38
C HIS A 154 -9.97 11.68 -5.91
N ARG A 155 -10.52 12.85 -5.56
CA ARG A 155 -10.49 13.38 -4.19
C ARG A 155 -11.73 13.06 -3.34
N ALA A 156 -12.63 12.22 -3.85
CA ALA A 156 -13.92 11.96 -3.17
C ALA A 156 -13.95 10.68 -2.33
N GLY A 157 -12.86 9.92 -2.33
CA GLY A 157 -12.82 8.65 -1.62
C GLY A 157 -12.71 8.80 -0.11
N GLY A 158 -12.99 7.71 0.60
CA GLY A 158 -12.84 7.64 2.04
C GLY A 158 -11.50 7.04 2.46
N LEU A 159 -11.36 6.77 3.75
CA LEU A 159 -10.19 6.04 4.22
C LEU A 159 -10.16 4.69 3.49
N GLY A 160 -8.98 4.32 3.01
CA GLY A 160 -8.80 3.07 2.28
C GLY A 160 -8.86 3.26 0.78
N SER A 161 -9.04 4.50 0.33
CA SER A 161 -9.06 4.84 -1.09
C SER A 161 -7.79 5.58 -1.46
N HIS A 162 -7.63 5.81 -2.76
CA HIS A 162 -6.52 6.62 -3.26
C HIS A 162 -6.45 7.98 -2.57
N THR A 163 -7.62 8.55 -2.29
CA THR A 163 -7.72 9.91 -1.75
C THR A 163 -6.88 10.19 -0.51
N HIS A 164 -6.78 9.21 0.39
CA HIS A 164 -6.07 9.39 1.66
C HIS A 164 -4.92 8.39 1.83
N ALA A 165 -4.49 7.78 0.73
CA ALA A 165 -3.50 6.70 0.76
C ALA A 165 -2.21 7.07 1.49
N TYR A 166 -1.77 8.31 1.30
CA TYR A 166 -0.51 8.81 1.88
C TYR A 166 -0.77 9.67 3.11
N THR A 167 -1.62 10.68 2.96
CA THR A 167 -1.85 11.65 4.02
C THR A 167 -2.27 10.98 5.31
N VAL A 168 -3.12 9.97 5.21
CA VAL A 168 -3.54 9.20 6.38
C VAL A 168 -2.79 7.87 6.46
N ASN A 169 -2.86 7.07 5.39
CA ASN A 169 -2.40 5.69 5.49
C ASN A 169 -0.92 5.44 5.25
N VAL A 170 -0.15 6.51 5.06
CA VAL A 170 1.30 6.43 5.26
C VAL A 170 1.64 7.10 6.59
N LEU A 171 1.28 8.38 6.70
CA LEU A 171 1.73 9.19 7.82
C LEU A 171 1.20 8.74 9.19
N GLU A 172 0.08 8.01 9.22
CA GLU A 172 -0.49 7.51 10.49
C GLU A 172 -0.29 6.01 10.68
N PHE A 173 0.32 5.32 9.72
CA PHE A 173 0.30 3.86 9.75
C PHE A 173 1.46 3.27 10.55
N SER A 174 1.10 2.40 11.48
CA SER A 174 2.03 1.77 12.40
C SER A 174 3.27 1.17 11.71
N TRP A 175 3.06 0.40 10.64
CA TRP A 175 4.19 -0.31 10.01
C TRP A 175 5.14 0.65 9.31
N HIS A 176 4.64 1.82 8.91
CA HIS A 176 5.48 2.84 8.30
C HIS A 176 6.24 3.66 9.35
N VAL A 177 5.50 4.19 10.31
CA VAL A 177 6.08 5.04 11.35
C VAL A 177 6.98 4.23 12.30
N GLY A 178 6.72 2.93 12.41
CA GLY A 178 7.51 2.04 13.26
C GLY A 178 8.85 1.56 12.70
N LYS A 179 9.22 2.01 11.50
CA LYS A 179 10.42 1.51 10.83
C LYS A 179 11.32 2.63 10.32
N PRO A 180 12.63 2.36 10.20
CA PRO A 180 13.53 3.37 9.63
C PRO A 180 13.08 3.77 8.23
N ALA A 181 13.20 5.05 7.92
CA ALA A 181 12.60 5.62 6.71
C ALA A 181 13.02 4.88 5.43
N GLU A 182 14.30 4.57 5.30
CA GLU A 182 14.83 3.94 4.08
C GLU A 182 14.32 2.52 3.84
N GLU A 183 13.79 1.88 4.89
CA GLU A 183 13.21 0.56 4.76
C GLU A 183 11.86 0.58 4.05
N VAL A 184 11.16 1.71 4.17
CA VAL A 184 9.76 1.80 3.74
C VAL A 184 9.50 2.90 2.71
N THR A 185 10.56 3.34 2.02
CA THR A 185 10.42 4.33 0.95
C THR A 185 9.33 3.94 -0.07
N GLY A 186 9.33 2.67 -0.46
CA GLY A 186 8.38 2.17 -1.44
C GLY A 186 6.94 2.25 -0.96
N CYS A 187 6.74 2.15 0.34
CA CYS A 187 5.41 2.33 0.93
C CYS A 187 4.92 3.76 0.74
N ALA A 188 5.76 4.72 1.10
CA ALA A 188 5.44 6.14 0.94
C ALA A 188 5.12 6.47 -0.50
N HIS A 189 5.94 5.97 -1.42
CA HIS A 189 5.79 6.33 -2.83
C HIS A 189 4.60 5.64 -3.49
N CYS A 190 4.37 4.38 -3.18
CA CYS A 190 3.24 3.67 -3.77
C CYS A 190 1.94 4.34 -3.36
N HIS A 191 1.82 4.61 -2.06
CA HIS A 191 0.63 5.25 -1.52
C HIS A 191 0.53 6.72 -2.00
N ALA A 192 1.66 7.43 -2.06
CA ALA A 192 1.67 8.83 -2.53
C ALA A 192 1.38 8.97 -4.03
N ILE A 193 1.84 8.02 -4.83
CA ILE A 193 1.49 8.03 -6.26
C ILE A 193 -0.03 7.94 -6.42
N ALA A 194 -0.65 7.05 -5.65
CA ALA A 194 -2.09 6.86 -5.70
C ALA A 194 -2.84 8.14 -5.28
N GLU A 195 -2.37 8.80 -4.22
CA GLU A 195 -3.06 10.00 -3.72
C GLU A 195 -2.75 11.26 -4.51
N ASN A 196 -1.47 11.60 -4.62
CA ASN A 196 -1.06 12.94 -5.03
C ASN A 196 -0.95 13.12 -6.53
N ARG A 197 -0.90 12.01 -7.26
CA ARG A 197 -0.71 12.06 -8.71
C ARG A 197 -1.93 11.60 -9.47
N CYS A 198 -1.88 11.88 -10.77
CA CYS A 198 -2.89 11.49 -11.72
C CYS A 198 -2.28 10.56 -12.78
N SER A 199 -1.10 10.01 -12.46
CA SER A 199 -0.34 9.20 -13.40
C SER A 199 -0.20 7.73 -12.98
N GLY A 200 -0.89 7.33 -11.91
CA GLY A 200 -0.83 5.95 -11.45
C GLY A 200 -1.35 4.93 -12.46
N CYS A 201 -2.38 5.34 -13.21
CA CYS A 201 -3.06 4.44 -14.14
C CYS A 201 -2.74 4.76 -15.60
N HIS A 202 -2.98 6.02 -15.99
CA HIS A 202 -2.46 6.52 -17.28
C HIS A 202 -1.20 7.32 -17.00
N THR A 203 -0.06 6.69 -17.26
CA THR A 203 1.25 7.22 -16.89
C THR A 203 1.61 8.46 -17.68
N ARG A 204 2.47 9.28 -17.09
CA ARG A 204 3.11 10.35 -17.83
C ARG A 204 4.08 9.72 -18.85
N HIS A 205 4.35 10.38 -19.96
CA HIS A 205 3.77 11.67 -20.34
C HIS A 205 2.71 11.53 -21.43
N LYS A 206 2.35 10.29 -21.77
CA LYS A 206 1.31 10.04 -22.77
C LYS A 206 -0.09 10.31 -22.23
N PHE A 207 -0.28 10.06 -20.93
CA PHE A 207 -1.60 10.17 -20.27
C PHE A 207 -2.70 9.55 -21.12
N ASP A 208 -2.52 8.28 -21.46
CA ASP A 208 -3.40 7.57 -22.38
C ASP A 208 -4.47 6.77 -21.61
N PRO A 209 -5.75 7.19 -21.71
CA PRO A 209 -6.80 6.41 -21.04
C PRO A 209 -6.85 4.94 -21.45
N ALA A 210 -6.47 4.61 -22.68
CA ALA A 210 -6.50 3.23 -23.14
C ALA A 210 -5.55 2.37 -22.31
N GLU A 211 -4.39 2.94 -21.97
CA GLU A 211 -3.43 2.31 -21.07
C GLU A 211 -4.06 2.10 -19.69
N ALA A 212 -4.79 3.10 -19.23
CA ALA A 212 -5.39 3.10 -17.89
C ALA A 212 -6.47 2.03 -17.71
N ARG A 213 -7.08 1.60 -18.81
CA ARG A 213 -8.13 0.60 -18.77
C ARG A 213 -7.59 -0.82 -18.55
N LYS A 214 -6.31 -1.02 -18.83
CA LYS A 214 -5.68 -2.35 -18.72
C LYS A 214 -5.37 -2.68 -17.25
N PRO A 215 -5.36 -3.99 -16.90
CA PRO A 215 -5.02 -4.42 -15.53
C PRO A 215 -3.63 -3.98 -15.09
N THR A 216 -2.74 -3.78 -16.06
CA THR A 216 -1.40 -3.25 -15.83
C THR A 216 -1.41 -1.84 -15.22
N ALA A 217 -2.53 -1.13 -15.34
CA ALA A 217 -2.70 0.18 -14.74
C ALA A 217 -2.94 0.10 -13.23
N CYS A 218 -3.13 -1.10 -12.69
CA CYS A 218 -3.46 -1.29 -11.28
C CYS A 218 -2.55 -2.26 -10.54
N ARG A 219 -2.01 -3.28 -11.23
CA ARG A 219 -1.39 -4.42 -10.56
C ARG A 219 -0.03 -4.17 -9.90
N VAL A 220 0.67 -3.11 -10.28
CA VAL A 220 1.93 -2.75 -9.63
C VAL A 220 1.69 -2.48 -8.13
N CYS A 221 0.53 -1.93 -7.82
CA CYS A 221 0.17 -1.61 -6.45
C CYS A 221 -0.79 -2.63 -5.85
N HIS A 222 -1.72 -3.12 -6.66
CA HIS A 222 -2.77 -4.03 -6.21
C HIS A 222 -2.36 -5.48 -6.36
N MET A 223 -1.30 -5.85 -5.65
CA MET A 223 -0.73 -7.17 -5.73
C MET A 223 -0.21 -7.62 -4.39
N GLY A 224 0.07 -8.92 -4.30
CA GLY A 224 0.90 -9.44 -3.25
C GLY A 224 0.16 -10.00 -2.07
N ILE A 225 0.97 -10.51 -1.14
CA ILE A 225 0.51 -11.25 0.02
C ILE A 225 -0.48 -10.44 0.88
N ASP A 226 -0.36 -9.11 0.85
CA ASP A 226 -1.21 -8.19 1.64
C ASP A 226 -2.58 -7.91 1.02
N HIS A 227 -2.68 -8.08 -0.30
CA HIS A 227 -3.87 -7.72 -1.07
C HIS A 227 -3.61 -8.17 -2.50
N ASP A 228 -3.97 -9.42 -2.78
CA ASP A 228 -3.49 -10.15 -3.95
C ASP A 228 -4.49 -10.09 -5.12
N GLU A 229 -5.24 -8.99 -5.23
CA GLU A 229 -6.33 -8.91 -6.21
C GLU A 229 -5.87 -9.07 -7.67
N TRP A 230 -4.67 -8.62 -8.03
CA TRP A 230 -4.16 -8.89 -9.38
C TRP A 230 -4.11 -10.39 -9.64
N ALA A 231 -3.47 -11.13 -8.74
CA ALA A 231 -3.38 -12.59 -8.87
C ALA A 231 -4.76 -13.26 -8.84
N MET A 232 -5.67 -12.75 -8.02
CA MET A 232 -7.02 -13.28 -7.97
C MET A 232 -7.73 -13.07 -9.30
N TYR A 233 -7.65 -11.85 -9.82
CA TYR A 233 -8.18 -11.54 -11.14
C TYR A 233 -7.50 -12.38 -12.23
N ASN A 234 -6.18 -12.43 -12.21
CA ASN A 234 -5.43 -13.12 -13.26
C ASN A 234 -5.69 -14.62 -13.32
N THR A 235 -6.01 -15.21 -12.17
CA THR A 235 -6.31 -16.65 -12.08
C THR A 235 -7.81 -16.94 -12.14
N SER A 236 -8.61 -15.92 -12.46
CA SER A 236 -10.00 -16.11 -12.83
C SER A 236 -10.08 -16.25 -14.33
N ILE A 237 -11.22 -16.75 -14.81
CA ILE A 237 -11.42 -16.89 -16.24
C ILE A 237 -11.40 -15.50 -16.92
N HIS A 238 -11.90 -14.48 -16.23
CA HIS A 238 -11.78 -13.11 -16.74
C HIS A 238 -10.32 -12.75 -17.05
N GLY A 239 -9.45 -13.06 -16.10
CA GLY A 239 -8.01 -12.76 -16.22
C GLY A 239 -7.36 -13.53 -17.34
N ALA A 240 -7.71 -14.81 -17.48
CA ALA A 240 -7.17 -15.62 -18.59
C ALA A 240 -7.64 -15.05 -19.94
N LEU A 241 -8.90 -14.62 -20.02
CA LEU A 241 -9.42 -14.02 -21.24
C LEU A 241 -8.78 -12.65 -21.53
N TYR A 242 -8.46 -11.89 -20.48
CA TYR A 242 -7.67 -10.67 -20.66
C TYR A 242 -6.36 -10.99 -21.37
N GLU A 243 -5.64 -11.99 -20.89
CA GLU A 243 -4.35 -12.36 -21.47
C GLU A 243 -4.52 -12.82 -22.92
N ALA A 244 -5.58 -13.59 -23.17
CA ALA A 244 -5.88 -14.09 -24.51
C ALA A 244 -6.21 -12.97 -25.50
N GLU A 245 -7.01 -12.00 -25.07
CA GLU A 245 -7.57 -10.98 -25.97
C GLU A 245 -6.86 -9.63 -25.96
N SER A 246 -5.92 -9.43 -25.05
CA SER A 246 -5.30 -8.10 -24.89
C SER A 246 -4.66 -7.58 -26.18
N ALA A 247 -4.00 -8.46 -26.91
CA ALA A 247 -3.22 -8.06 -28.08
C ALA A 247 -4.06 -7.56 -29.23
N ARG A 248 -5.29 -8.04 -29.33
CA ARG A 248 -6.14 -7.76 -30.49
C ARG A 248 -7.42 -7.00 -30.18
N MET A 249 -7.78 -6.87 -28.90
CA MET A 249 -8.99 -6.15 -28.52
C MET A 249 -8.81 -4.64 -28.63
N ASP A 250 -9.93 -3.95 -28.75
CA ASP A 250 -9.92 -2.51 -28.90
C ASP A 250 -9.99 -1.85 -27.54
N TRP A 251 -8.83 -1.38 -27.08
CA TRP A 251 -8.69 -0.71 -25.78
C TRP A 251 -9.07 0.77 -25.85
N GLY A 252 -9.35 1.26 -27.05
CA GLY A 252 -9.72 2.66 -27.26
C GLY A 252 -11.17 2.95 -26.92
N LYS A 253 -11.95 1.92 -26.64
CA LYS A 253 -13.35 2.10 -26.26
C LYS A 253 -13.50 2.52 -24.81
N LYS A 254 -14.41 3.46 -24.55
CA LYS A 254 -14.69 3.88 -23.19
C LYS A 254 -15.24 2.72 -22.38
N LEU A 255 -15.00 2.74 -21.08
CA LEU A 255 -15.52 1.72 -20.17
C LEU A 255 -17.02 1.89 -20.09
N LYS A 256 -17.74 1.08 -20.86
N LYS A 256 -17.74 1.04 -20.82
CA LYS A 256 -19.19 1.17 -20.94
CA LYS A 256 -19.17 1.15 -20.93
C LYS A 256 -19.77 -0.21 -21.25
C LYS A 256 -19.77 -0.21 -21.26
N LYS A 257 -20.98 -0.45 -20.76
CA LYS A 257 -21.74 -1.65 -21.05
C LYS A 257 -21.77 -1.93 -22.55
N GLY A 258 -21.33 -3.13 -22.95
CA GLY A 258 -21.31 -3.52 -24.36
C GLY A 258 -20.04 -3.19 -25.13
N ASN A 259 -19.13 -2.41 -24.55
CA ASN A 259 -17.88 -2.05 -25.23
C ASN A 259 -16.76 -3.08 -25.04
N TYR A 260 -16.91 -3.95 -24.05
CA TYR A 260 -15.88 -4.95 -23.72
C TYR A 260 -16.47 -6.34 -23.53
N ARG A 261 -15.76 -7.35 -24.03
CA ARG A 261 -16.08 -8.74 -23.69
C ARG A 261 -15.48 -9.11 -22.34
N VAL A 262 -14.21 -8.72 -22.12
CA VAL A 262 -13.47 -9.07 -20.93
C VAL A 262 -13.44 -7.88 -19.99
N PRO A 263 -13.90 -8.07 -18.73
CA PRO A 263 -13.86 -6.99 -17.75
C PRO A 263 -12.47 -6.89 -17.13
N THR A 264 -12.01 -5.67 -16.93
CA THR A 264 -10.77 -5.39 -16.21
C THR A 264 -11.08 -4.70 -14.87
N CYS A 265 -10.04 -4.51 -14.06
CA CYS A 265 -10.14 -3.76 -12.80
C CYS A 265 -10.91 -2.45 -13.02
N ALA A 266 -10.48 -1.69 -14.02
CA ALA A 266 -11.08 -0.40 -14.33
C ALA A 266 -12.54 -0.53 -14.76
N TYR A 267 -12.84 -1.56 -15.56
CA TYR A 267 -14.23 -1.79 -16.00
C TYR A 267 -15.18 -1.93 -14.82
N CYS A 268 -14.78 -2.72 -13.82
CA CYS A 268 -15.64 -3.01 -12.68
C CYS A 268 -15.56 -1.99 -11.56
N HIS A 269 -14.41 -1.32 -11.42
CA HIS A 269 -14.20 -0.40 -10.31
C HIS A 269 -14.22 1.07 -10.68
N MET A 270 -13.90 1.39 -11.93
CA MET A 270 -14.08 2.76 -12.45
C MET A 270 -15.24 2.73 -13.44
N GLN A 271 -16.39 2.29 -12.95
CA GLN A 271 -17.54 2.08 -13.81
C GLN A 271 -17.90 3.37 -14.53
N ASN A 272 -18.04 3.29 -15.85
CA ASN A 272 -18.38 4.44 -16.67
C ASN A 272 -17.40 5.60 -16.48
N GLY A 273 -16.15 5.26 -16.18
CA GLY A 273 -15.07 6.24 -16.07
C GLY A 273 -15.00 6.97 -14.75
N ASP A 274 -15.71 6.48 -13.74
CA ASP A 274 -15.73 7.12 -12.43
C ASP A 274 -14.36 7.03 -11.78
N HIS A 275 -13.80 8.19 -11.43
CA HIS A 275 -12.46 8.27 -10.85
C HIS A 275 -12.41 8.15 -9.32
N ASN A 276 -13.54 7.76 -8.72
CA ASN A 276 -13.63 7.39 -7.31
C ASN A 276 -13.95 5.90 -7.25
N PRO A 277 -12.98 5.04 -7.59
CA PRO A 277 -13.28 3.60 -7.67
C PRO A 277 -13.74 2.94 -6.36
N GLN A 278 -13.36 3.49 -5.21
CA GLN A 278 -13.77 2.91 -3.94
C GLN A 278 -15.29 2.85 -3.77
N ARG A 279 -16.01 3.83 -4.33
CA ARG A 279 -17.41 4.01 -3.97
C ARG A 279 -18.33 2.85 -4.34
N PHE A 280 -17.92 2.01 -5.28
CA PHE A 280 -18.74 0.86 -5.69
C PHE A 280 -18.68 -0.28 -4.68
N GLY A 281 -17.68 -0.26 -3.81
CA GLY A 281 -17.56 -1.27 -2.77
C GLY A 281 -18.72 -1.21 -1.80
N THR A 282 -19.14 -2.36 -1.28
CA THR A 282 -20.23 -2.42 -0.31
C THR A 282 -19.91 -1.57 0.93
N ILE A 283 -18.73 -1.79 1.49
CA ILE A 283 -18.33 -1.17 2.74
C ILE A 283 -16.83 -1.40 2.91
N TYR A 284 -16.13 -0.44 3.54
CA TYR A 284 -14.71 -0.63 3.83
C TYR A 284 -14.53 -1.63 4.99
N SER A 285 -13.73 -2.67 4.75
CA SER A 285 -13.58 -3.78 5.70
C SER A 285 -12.14 -4.02 6.13
N ASP A 286 -11.28 -3.02 5.96
CA ASP A 286 -9.85 -3.17 6.24
C ASP A 286 -9.28 -4.34 5.47
N MET A 287 -9.50 -4.32 4.17
CA MET A 287 -8.97 -5.33 3.24
C MET A 287 -9.48 -6.74 3.53
N GLY A 288 -10.70 -6.84 4.05
CA GLY A 288 -11.30 -8.14 4.39
C GLY A 288 -10.87 -8.71 5.73
N MET A 289 -10.11 -7.95 6.51
CA MET A 289 -9.75 -8.37 7.86
C MET A 289 -10.89 -8.21 8.84
N PHE A 290 -11.84 -7.32 8.53
CA PHE A 290 -13.09 -7.19 9.25
C PHE A 290 -14.15 -7.97 8.50
N GLN A 291 -14.99 -8.71 9.23
CA GLN A 291 -15.96 -9.60 8.64
C GLN A 291 -17.28 -8.88 8.42
N VAL A 292 -17.77 -8.95 7.19
CA VAL A 292 -19.09 -8.42 6.87
C VAL A 292 -19.73 -9.28 5.79
N ASP A 293 -21.02 -9.57 5.95
CA ASP A 293 -21.78 -10.30 4.95
C ASP A 293 -22.40 -9.28 4.00
N ARG A 294 -21.80 -9.17 2.83
CA ARG A 294 -22.23 -8.21 1.82
C ARG A 294 -23.58 -8.59 1.18
N GLY A 295 -24.02 -9.83 1.42
CA GLY A 295 -25.33 -10.29 0.95
C GLY A 295 -26.46 -10.13 1.95
N ALA A 296 -26.21 -9.46 3.07
CA ALA A 296 -27.25 -9.24 4.10
C ALA A 296 -28.24 -8.16 3.65
N PRO A 297 -29.48 -8.20 4.18
CA PRO A 297 -30.51 -7.25 3.77
C PRO A 297 -30.09 -5.78 3.78
N LYS A 298 -29.32 -5.36 4.78
CA LYS A 298 -28.92 -3.97 4.87
C LYS A 298 -27.99 -3.50 3.74
N HIS A 299 -27.34 -4.43 3.05
CA HIS A 299 -26.46 -4.08 1.94
C HIS A 299 -27.08 -4.36 0.57
N LYS A 300 -28.39 -4.53 0.52
CA LYS A 300 -29.09 -4.93 -0.71
C LYS A 300 -28.83 -4.00 -1.89
N ALA A 301 -28.84 -2.69 -1.65
CA ALA A 301 -28.61 -1.72 -2.73
C ALA A 301 -27.25 -1.94 -3.40
N LYS A 302 -26.21 -2.10 -2.58
CA LYS A 302 -24.86 -2.35 -3.08
C LYS A 302 -24.75 -3.70 -3.80
N ARG A 303 -25.36 -4.74 -3.22
CA ARG A 303 -25.36 -6.06 -3.84
C ARG A 303 -26.09 -6.01 -5.17
N ASP A 304 -27.26 -5.38 -5.20
CA ASP A 304 -28.01 -5.22 -6.45
C ASP A 304 -27.21 -4.45 -7.50
N SER A 305 -26.45 -3.45 -7.08
CA SER A 305 -25.63 -2.67 -8.02
C SER A 305 -24.53 -3.53 -8.63
N TRP A 306 -23.89 -4.36 -7.82
CA TRP A 306 -22.90 -5.32 -8.34
C TRP A 306 -23.54 -6.32 -9.29
N ILE A 307 -24.69 -6.87 -8.91
CA ILE A 307 -25.39 -7.82 -9.78
C ILE A 307 -25.67 -7.19 -11.15
N LYS A 308 -26.10 -5.93 -11.15
CA LYS A 308 -26.38 -5.23 -12.40
C LYS A 308 -25.11 -5.00 -13.23
N LEU A 309 -23.99 -4.71 -12.56
CA LEU A 309 -22.71 -4.58 -13.24
C LEU A 309 -22.35 -5.90 -13.95
N CYS A 310 -22.44 -7.01 -13.23
CA CYS A 310 -22.16 -8.33 -13.82
C CYS A 310 -23.10 -8.63 -14.97
N GLN A 311 -24.33 -8.12 -14.88
CA GLN A 311 -25.36 -8.36 -15.89
C GLN A 311 -25.04 -7.70 -17.24
N ASP A 312 -24.02 -6.85 -17.30
CA ASP A 312 -23.49 -6.42 -18.60
C ASP A 312 -23.20 -7.65 -19.47
N CYS A 313 -22.78 -8.75 -18.84
CA CYS A 313 -22.32 -9.92 -19.59
C CYS A 313 -22.81 -11.26 -19.06
N HIS A 314 -23.78 -11.24 -18.14
CA HIS A 314 -24.25 -12.44 -17.46
C HIS A 314 -25.70 -12.34 -17.04
N SER A 315 -26.28 -13.50 -16.76
CA SER A 315 -27.53 -13.58 -16.02
C SER A 315 -27.35 -12.95 -14.65
N PRO A 316 -28.33 -12.16 -14.18
CA PRO A 316 -28.24 -11.61 -12.83
C PRO A 316 -28.38 -12.69 -11.75
N ARG A 317 -29.04 -13.79 -12.10
CA ARG A 317 -29.18 -14.93 -11.18
C ARG A 317 -27.81 -15.59 -10.97
N PHE A 318 -27.08 -15.78 -12.07
CA PHE A 318 -25.72 -16.28 -12.01
C PHE A 318 -24.82 -15.38 -11.17
N ALA A 319 -24.87 -14.08 -11.44
CA ALA A 319 -24.10 -13.10 -10.68
C ALA A 319 -24.44 -13.13 -9.20
N ALA A 320 -25.73 -13.14 -8.89
CA ALA A 320 -26.21 -13.20 -7.51
C ALA A 320 -25.65 -14.44 -6.79
N ASP A 321 -25.70 -15.58 -7.47
CA ASP A 321 -25.16 -16.82 -6.92
C ASP A 321 -23.67 -16.71 -6.62
N LYS A 322 -22.93 -16.10 -7.54
CA LYS A 322 -21.49 -15.97 -7.38
C LYS A 322 -21.11 -15.09 -6.20
N LEU A 323 -21.87 -14.03 -5.97
CA LEU A 323 -21.61 -13.12 -4.86
C LEU A 323 -22.10 -13.73 -3.53
N LYS A 324 -23.12 -14.58 -3.58
CA LYS A 324 -23.50 -15.39 -2.41
C LYS A 324 -22.42 -16.41 -2.04
N GLU A 325 -21.72 -16.96 -3.05
CA GLU A 325 -20.61 -17.87 -2.79
C GLU A 325 -19.52 -17.14 -2.03
N MET A 326 -19.27 -15.88 -2.43
CA MET A 326 -18.34 -15.03 -1.72
C MET A 326 -18.76 -14.87 -0.25
N ASP A 327 -20.02 -14.50 -0.03
CA ASP A 327 -20.52 -14.30 1.32
C ASP A 327 -20.29 -15.54 2.18
N ALA A 328 -20.69 -16.69 1.64
CA ALA A 328 -20.56 -17.96 2.37
C ALA A 328 -19.11 -18.35 2.62
N GLY A 329 -18.27 -18.19 1.60
CA GLY A 329 -16.86 -18.55 1.71
C GLY A 329 -16.12 -17.67 2.69
N VAL A 330 -16.42 -16.38 2.67
CA VAL A 330 -15.86 -15.45 3.64
C VAL A 330 -16.27 -15.84 5.07
N ASN A 331 -17.55 -16.12 5.28
CA ASN A 331 -18.04 -16.44 6.64
C ASN A 331 -17.41 -17.70 7.19
N LEU A 332 -17.19 -18.70 6.34
CA LEU A 332 -16.49 -19.91 6.76
C LEU A 332 -15.04 -19.60 7.12
N SER A 333 -14.38 -18.73 6.33
CA SER A 333 -12.97 -18.40 6.55
C SER A 333 -12.71 -17.80 7.93
N PHE A 334 -13.67 -17.07 8.47
CA PHE A 334 -13.49 -16.44 9.78
C PHE A 334 -13.54 -17.40 10.97
N THR A 335 -14.09 -18.60 10.79
CA THR A 335 -14.06 -19.61 11.85
C THR A 335 -12.62 -20.04 12.14
N LYS A 336 -11.81 -20.12 11.10
CA LYS A 336 -10.41 -20.51 11.25
C LYS A 336 -9.60 -19.38 11.90
N TRP A 337 -9.92 -18.13 11.57
CA TRP A 337 -9.25 -17.00 12.20
C TRP A 337 -9.60 -16.93 13.68
N ARG A 338 -10.87 -17.12 14.02
CA ARG A 338 -11.28 -17.09 15.43
C ARG A 338 -10.62 -18.22 16.23
N GLU A 339 -10.53 -19.41 15.64
CA GLU A 339 -9.74 -20.50 16.24
C GLU A 339 -8.30 -20.09 16.52
N ALA A 340 -7.65 -19.51 15.52
CA ALA A 340 -6.27 -19.06 15.62
C ALA A 340 -6.14 -18.02 16.73
N ALA A 341 -7.02 -17.02 16.71
CA ALA A 341 -6.97 -15.94 17.69
C ALA A 341 -7.13 -16.46 19.13
N ALA A 342 -8.03 -17.41 19.32
CA ALA A 342 -8.23 -18.02 20.65
C ALA A 342 -6.97 -18.74 21.13
N VAL A 343 -6.33 -19.48 20.23
CA VAL A 343 -5.11 -20.20 20.57
C VAL A 343 -3.99 -19.22 20.94
N ILE A 344 -3.86 -18.14 20.16
CA ILE A 344 -2.80 -17.17 20.35
C ILE A 344 -2.97 -16.35 21.63
N VAL A 345 -4.15 -15.76 21.82
CA VAL A 345 -4.44 -14.99 23.04
C VAL A 345 -4.36 -15.91 24.27
N GLY A 346 -4.90 -17.11 24.15
CA GLY A 346 -4.78 -18.14 25.19
C GLY A 346 -3.37 -18.29 25.71
N CYS A 347 -2.40 -18.39 24.80
CA CYS A 347 -0.99 -18.49 25.17
C CYS A 347 -0.52 -17.26 25.95
N TYR A 348 -0.93 -16.07 25.50
CA TYR A 348 -0.55 -14.84 26.20
C TYR A 348 -1.12 -14.83 27.61
N LEU A 349 -2.40 -15.15 27.73
CA LEU A 349 -3.09 -15.13 29.02
C LEU A 349 -2.50 -16.14 30.01
N ASP A 350 -1.99 -17.27 29.49
CA ASP A 350 -1.31 -18.28 30.31
C ASP A 350 0.18 -17.98 30.52
N GLY A 351 0.67 -16.92 29.88
CA GLY A 351 2.04 -16.46 30.07
C GLY A 351 3.12 -17.36 29.48
N VAL A 352 2.79 -18.07 28.40
CA VAL A 352 3.73 -19.04 27.81
C VAL A 352 4.33 -18.62 26.46
N VAL A 353 3.96 -17.44 25.98
CA VAL A 353 4.55 -16.93 24.74
C VAL A 353 6.03 -16.64 25.00
N ASP A 354 6.87 -17.01 24.05
CA ASP A 354 8.29 -16.72 24.13
C ASP A 354 8.70 -16.01 22.85
N PRO A 355 9.18 -14.75 22.95
CA PRO A 355 9.23 -13.95 24.17
C PRO A 355 7.86 -13.47 24.58
N MET A 356 7.72 -13.09 25.84
CA MET A 356 6.57 -12.29 26.26
C MET A 356 6.89 -10.86 25.84
N PRO A 357 5.88 -9.96 25.85
CA PRO A 357 6.12 -8.63 25.31
C PRO A 357 7.26 -7.85 25.97
N GLU A 358 7.44 -8.03 27.28
CA GLU A 358 8.54 -7.36 27.98
C GLU A 358 9.92 -7.91 27.59
N GLY A 359 9.94 -9.06 26.92
CA GLY A 359 11.16 -9.65 26.39
C GLY A 359 11.55 -9.18 24.99
N SER A 360 10.66 -8.42 24.34
CA SER A 360 10.94 -7.89 23.01
C SER A 360 11.27 -6.40 23.11
N ALA A 361 11.76 -5.85 22.01
CA ALA A 361 11.88 -4.41 21.87
C ALA A 361 10.48 -3.82 22.03
N PRO A 362 10.40 -2.58 22.54
CA PRO A 362 9.09 -1.95 22.66
C PRO A 362 8.47 -1.77 21.28
N ASP A 363 7.14 -1.87 21.20
CA ASP A 363 6.44 -1.58 19.94
C ASP A 363 6.58 -0.10 19.59
N TRP A 364 6.05 0.30 18.45
CA TRP A 364 6.29 1.65 17.94
C TRP A 364 5.65 2.74 18.80
N TYR A 365 4.70 2.36 19.65
CA TYR A 365 4.13 3.28 20.64
C TYR A 365 5.08 3.50 21.82
N GLY A 366 6.09 2.65 21.93
CA GLY A 366 6.98 2.61 23.09
C GLY A 366 6.47 1.70 24.20
N HIS A 367 5.57 0.78 23.86
CA HIS A 367 4.94 -0.10 24.85
C HIS A 367 5.45 -1.53 24.74
N TYR A 368 5.43 -2.23 25.87
CA TYR A 368 5.71 -3.67 25.91
C TYR A 368 4.39 -4.39 26.01
N THR A 369 3.64 -4.36 24.90
CA THR A 369 2.26 -4.82 24.85
C THR A 369 2.09 -5.92 23.80
N PHE A 370 1.36 -6.97 24.16
CA PHE A 370 1.06 -8.05 23.24
C PHE A 370 0.41 -7.47 21.99
N SER A 371 0.88 -7.91 20.83
CA SER A 371 0.49 -7.30 19.56
C SER A 371 -0.93 -7.64 19.15
N LEU A 372 -1.46 -8.77 19.62
CA LEU A 372 -2.79 -9.21 19.25
C LEU A 372 -3.77 -9.09 20.45
N LEU A 373 -3.62 -8.00 21.18
CA LEU A 373 -4.60 -7.56 22.20
C LEU A 373 -4.97 -6.13 21.88
N PRO A 374 -6.12 -5.66 22.41
CA PRO A 374 -6.47 -4.25 22.26
C PRO A 374 -5.33 -3.33 22.71
N GLY A 375 -5.06 -2.29 21.94
CA GLY A 375 -3.96 -1.38 22.22
C GLY A 375 -2.61 -1.82 21.69
N GLY A 376 -2.49 -3.08 21.26
CA GLY A 376 -1.23 -3.58 20.69
C GLY A 376 -1.08 -3.20 19.23
N ASP A 377 0.05 -3.59 18.65
CA ASP A 377 0.38 -3.32 17.25
C ASP A 377 0.56 -4.63 16.47
N PRO A 378 -0.52 -5.17 15.91
CA PRO A 378 -0.41 -6.38 15.10
C PRO A 378 0.68 -6.24 14.05
N ARG A 379 1.61 -7.20 14.00
CA ARG A 379 2.76 -7.10 13.14
C ARG A 379 3.46 -8.43 12.89
N PHE A 380 4.38 -8.40 11.93
CA PHE A 380 5.13 -9.57 11.45
C PHE A 380 6.62 -9.46 11.82
N TYR A 381 7.01 -8.34 12.43
CA TYR A 381 8.42 -8.06 12.73
C TYR A 381 8.61 -7.71 14.19
N ALA A 382 9.80 -7.96 14.72
CA ALA A 382 10.15 -7.58 16.08
C ALA A 382 9.08 -8.07 17.06
N THR A 383 8.67 -9.32 16.90
CA THR A 383 7.65 -9.92 17.75
C THR A 383 7.88 -11.42 17.83
N SER A 384 7.04 -12.13 18.57
CA SER A 384 7.16 -13.57 18.73
C SER A 384 6.71 -14.27 17.46
N ASN A 385 7.14 -15.51 17.30
CA ASN A 385 6.71 -16.32 16.17
C ASN A 385 5.21 -16.52 16.17
N LEU A 386 4.65 -16.72 17.37
CA LEU A 386 3.20 -16.91 17.53
C LEU A 386 2.43 -15.69 17.03
N GLU A 387 2.92 -14.51 17.37
CA GLU A 387 2.29 -13.26 16.96
C GLU A 387 2.45 -13.00 15.47
N ARG A 388 3.64 -13.30 14.93
CA ARG A 388 3.87 -13.24 13.49
C ARG A 388 2.86 -14.09 12.72
N LEU A 389 2.74 -15.36 13.10
CA LEU A 389 1.83 -16.28 12.43
C LEU A 389 0.38 -15.81 12.54
N GLY A 390 0.03 -15.20 13.67
CA GLY A 390 -1.31 -14.67 13.86
C GLY A 390 -1.61 -13.55 12.87
N LEU A 391 -0.66 -12.63 12.73
CA LEU A 391 -0.80 -11.54 11.78
C LEU A 391 -0.93 -12.09 10.36
N GLU A 392 -0.09 -13.07 10.03
CA GLU A 392 -0.16 -13.68 8.69
C GLU A 392 -1.53 -14.31 8.45
N MET A 393 -2.10 -14.92 9.49
CA MET A 393 -3.42 -15.54 9.38
C MET A 393 -4.51 -14.53 9.06
N ILE A 394 -4.53 -13.39 9.75
CA ILE A 394 -5.61 -12.44 9.57
C ILE A 394 -5.43 -11.58 8.32
N CYS A 395 -4.21 -11.07 8.11
CA CYS A 395 -3.96 -10.12 7.03
C CYS A 395 -3.72 -10.82 5.70
N TYR A 396 -2.70 -11.68 5.66
CA TYR A 396 -2.28 -12.29 4.40
C TYR A 396 -3.26 -13.33 3.87
N LEU A 397 -3.92 -14.06 4.76
CA LEU A 397 -4.77 -15.17 4.32
C LEU A 397 -6.24 -14.83 4.39
N THR A 398 -6.77 -14.55 5.58
CA THR A 398 -8.20 -14.31 5.74
C THR A 398 -8.70 -13.17 4.85
N GLY A 399 -7.95 -12.06 4.82
CA GLY A 399 -8.30 -10.93 3.94
C GLY A 399 -8.34 -11.32 2.47
N ASN A 400 -7.39 -12.16 2.06
CA ASN A 400 -7.30 -12.57 0.67
C ASN A 400 -8.32 -13.64 0.24
N VAL A 401 -8.89 -14.38 1.19
CA VAL A 401 -10.01 -15.26 0.85
C VAL A 401 -11.15 -14.44 0.24
N TYR A 402 -11.45 -13.29 0.85
CA TYR A 402 -12.44 -12.36 0.31
C TYR A 402 -12.06 -11.94 -1.11
N LYS A 403 -10.80 -11.57 -1.29
CA LYS A 403 -10.33 -11.13 -2.60
C LYS A 403 -10.44 -12.24 -3.65
N ALA A 404 -10.18 -13.49 -3.24
CA ALA A 404 -10.27 -14.64 -4.14
C ALA A 404 -11.70 -14.87 -4.61
N TYR A 405 -12.65 -14.75 -3.69
CA TYR A 405 -14.06 -14.90 -4.03
C TYR A 405 -14.60 -13.73 -4.85
N ALA A 406 -14.23 -12.51 -4.44
CA ALA A 406 -14.69 -11.31 -5.13
C ALA A 406 -14.28 -11.33 -6.60
N HIS A 407 -13.14 -11.96 -6.90
CA HIS A 407 -12.58 -11.97 -8.24
C HIS A 407 -12.67 -13.29 -9.00
N MET A 408 -13.43 -14.23 -8.46
CA MET A 408 -13.80 -15.47 -9.14
C MET A 408 -12.60 -16.41 -9.39
N SER A 409 -11.61 -16.39 -8.50
CA SER A 409 -10.47 -17.29 -8.60
C SER A 409 -10.77 -18.61 -7.90
N MET A 410 -11.23 -19.59 -8.66
CA MET A 410 -11.59 -20.90 -8.11
C MET A 410 -10.41 -21.49 -7.35
N TYR A 411 -9.23 -21.38 -7.94
CA TYR A 411 -8.05 -21.99 -7.35
C TYR A 411 -7.61 -21.29 -6.08
N ASN A 412 -7.60 -19.96 -6.06
CA ASN A 412 -7.12 -19.24 -4.88
C ASN A 412 -8.14 -19.11 -3.75
N GLN A 413 -9.39 -19.46 -4.04
CA GLN A 413 -10.41 -19.61 -3.01
C GLN A 413 -10.14 -20.85 -2.16
N THR A 414 -9.53 -21.85 -2.79
CA THR A 414 -9.46 -23.19 -2.23
C THR A 414 -8.01 -23.62 -1.95
N TYR A 415 -7.22 -23.81 -2.99
CA TYR A 415 -5.85 -24.33 -2.86
C TYR A 415 -4.76 -23.30 -2.74
N GLY A 416 -4.94 -22.16 -3.42
CA GLY A 416 -3.81 -21.29 -3.75
C GLY A 416 -3.42 -20.27 -2.72
N ASN A 417 -2.70 -19.25 -3.17
CA ASN A 417 -2.27 -18.16 -2.28
C ASN A 417 -3.47 -17.41 -1.73
N GLY A 418 -3.55 -17.32 -0.40
CA GLY A 418 -4.61 -16.58 0.28
C GLY A 418 -5.93 -17.33 0.29
N SER A 419 -5.84 -18.65 0.41
CA SER A 419 -6.97 -19.55 0.25
C SER A 419 -7.39 -20.21 1.55
N ALA A 420 -8.50 -20.95 1.46
CA ALA A 420 -8.98 -21.80 2.55
C ALA A 420 -7.90 -22.77 3.01
N PHE A 421 -7.21 -23.41 2.08
CA PHE A 421 -6.26 -24.46 2.44
C PHE A 421 -4.97 -23.86 3.01
N GLU A 422 -4.60 -22.65 2.57
CA GLU A 422 -3.48 -21.96 3.18
C GLU A 422 -3.82 -21.56 4.62
N GLN A 423 -5.08 -21.14 4.85
CA GLN A 423 -5.57 -20.90 6.22
C GLN A 423 -5.40 -22.15 7.08
N ASP A 424 -5.81 -23.29 6.53
CA ASP A 424 -5.68 -24.58 7.21
C ASP A 424 -4.26 -24.79 7.68
N ARG A 425 -3.33 -24.60 6.75
CA ARG A 425 -1.92 -24.88 7.00
C ARG A 425 -1.34 -23.91 8.02
N LYS A 426 -1.73 -22.64 7.91
CA LYS A 426 -1.33 -21.62 8.88
C LYS A 426 -1.88 -21.94 10.28
N LEU A 427 -3.11 -22.43 10.32
CA LEU A 427 -3.72 -22.78 11.60
C LEU A 427 -2.95 -23.91 12.26
N VAL A 428 -2.51 -24.88 11.45
CA VAL A 428 -1.66 -25.96 11.95
C VAL A 428 -0.35 -25.38 12.49
N GLU A 429 0.27 -24.46 11.76
CA GLU A 429 1.49 -23.79 12.22
C GLU A 429 1.30 -23.05 13.55
N ILE A 430 0.20 -22.33 13.68
CA ILE A 430 -0.10 -21.57 14.90
C ILE A 430 -0.28 -22.53 16.08
N LYS A 431 -1.06 -23.59 15.88
CA LYS A 431 -1.27 -24.60 16.92
C LYS A 431 0.04 -25.31 17.29
N THR A 432 0.87 -25.55 16.29
CA THR A 432 2.19 -26.15 16.49
C THR A 432 3.08 -25.26 17.38
N GLU A 433 3.10 -23.97 17.09
CA GLU A 433 3.87 -23.01 17.89
C GLU A 433 3.34 -22.99 19.33
N ALA A 434 2.01 -22.90 19.46
CA ALA A 434 1.36 -22.88 20.77
C ALA A 434 1.67 -24.15 21.57
N ALA A 435 1.61 -25.31 20.89
CA ALA A 435 1.90 -26.60 21.53
C ALA A 435 3.33 -26.65 22.06
N LYS A 436 4.28 -26.25 21.21
CA LYS A 436 5.68 -26.19 21.60
C LYS A 436 5.89 -25.29 22.81
N LEU A 437 5.29 -24.10 22.78
CA LEU A 437 5.41 -23.14 23.88
C LEU A 437 4.87 -23.74 25.17
N ARG A 438 3.73 -24.40 25.09
CA ARG A 438 3.10 -24.99 26.26
C ARG A 438 3.90 -26.17 26.82
N ARG A 439 4.46 -26.99 25.95
CA ARG A 439 5.29 -28.12 26.40
C ARG A 439 6.57 -27.66 27.09
N PHE A 440 7.23 -26.65 26.53
CA PHE A 440 8.41 -26.06 27.18
C PHE A 440 8.06 -25.52 28.57
N ALA A 441 6.98 -24.76 28.65
CA ALA A 441 6.57 -24.14 29.91
C ALA A 441 6.21 -25.19 30.98
N ALA A 442 5.51 -26.24 30.57
CA ALA A 442 5.15 -27.33 31.47
C ALA A 442 6.38 -28.06 32.02
N ILE A 443 7.35 -28.32 31.15
CA ILE A 443 8.60 -28.96 31.55
C ILE A 443 9.38 -28.07 32.51
N GLU A 444 9.57 -26.81 32.13
CA GLU A 444 10.32 -25.86 32.94
C GLU A 444 9.71 -25.63 34.32
N LYS A 445 8.38 -25.61 34.38
CA LYS A 445 7.68 -25.51 35.66
C LYS A 445 7.96 -26.72 36.55
N LYS A 446 7.84 -27.92 35.98
CA LYS A 446 8.02 -29.17 36.75
C LYS A 446 9.42 -29.32 37.32
N ILE A 447 10.44 -28.99 36.52
CA ILE A 447 11.84 -29.12 36.96
C ILE A 447 12.36 -27.88 37.69
N GLY A 448 11.57 -26.81 37.73
CA GLY A 448 11.96 -25.58 38.42
C GLY A 448 13.03 -24.78 37.70
N LEU A 449 13.04 -24.84 36.36
CA LEU A 449 13.94 -24.03 35.57
C LEU A 449 13.26 -22.69 35.29
N GLU A 450 13.93 -21.60 35.66
CA GLU A 450 13.40 -20.25 35.41
C GLU A 450 13.89 -19.79 34.05
N HIS A 451 13.00 -19.85 33.07
CA HIS A 451 13.36 -19.48 31.70
C HIS A 451 13.39 -17.97 31.54
N LYS A 452 14.47 -17.46 30.95
CA LYS A 452 14.54 -16.07 30.53
C LYS A 452 14.62 -16.05 29.00
N SER A 453 13.72 -15.29 28.37
CA SER A 453 13.75 -15.17 26.92
C SER A 453 15.09 -14.59 26.46
N ALA A 454 15.56 -15.05 25.31
CA ALA A 454 16.88 -14.67 24.82
C ALA A 454 16.98 -13.16 24.58
N ASP A 455 18.18 -12.60 24.74
CA ASP A 455 18.37 -11.16 24.55
CA ASP A 455 18.39 -11.16 24.54
C ASP A 455 18.16 -10.75 23.09
N PHE A 456 18.35 -11.69 22.16
CA PHE A 456 18.17 -11.37 20.73
C PHE A 456 16.72 -11.02 20.35
N TRP A 457 15.75 -11.30 21.22
CA TRP A 457 14.38 -10.84 21.01
C TRP A 457 14.23 -9.33 21.26
N LYS A 458 15.15 -8.77 22.05
CA LYS A 458 15.05 -7.39 22.51
C LYS A 458 16.06 -6.47 21.83
N HIS A 459 17.30 -6.94 21.67
CA HIS A 459 18.37 -6.12 21.11
C HIS A 459 19.03 -6.78 19.91
N GLY A 460 19.55 -5.93 19.04
CA GLY A 460 20.25 -6.34 17.84
C GLY A 460 20.45 -5.11 16.97
N GLU A 461 21.26 -5.25 15.93
CA GLU A 461 21.61 -4.10 15.10
C GLU A 461 20.40 -3.45 14.44
N TYR A 462 19.43 -4.26 14.01
CA TYR A 462 18.20 -3.70 13.45
C TYR A 462 17.22 -3.29 14.55
N LEU A 463 16.96 -4.18 15.51
CA LEU A 463 16.00 -3.87 16.59
C LEU A 463 16.34 -2.57 17.31
N ASP A 464 17.63 -2.31 17.50
CA ASP A 464 18.07 -1.09 18.19
C ASP A 464 17.75 0.19 17.42
N LEU A 465 17.46 0.08 16.12
CA LEU A 465 17.10 1.26 15.30
C LEU A 465 15.64 1.67 15.44
N LEU A 466 14.82 0.82 16.06
CA LEU A 466 13.37 1.03 16.04
C LEU A 466 12.97 2.23 16.88
N PRO A 467 11.94 2.97 16.45
CA PRO A 467 11.53 4.20 17.11
C PRO A 467 10.89 4.00 18.48
N GLY A 468 10.37 2.81 18.76
CA GLY A 468 9.79 2.50 20.07
C GLY A 468 10.69 2.83 21.26
N TRP A 469 12.00 2.66 21.06
CA TRP A 469 12.99 2.96 22.09
C TRP A 469 13.01 4.43 22.52
N LYS A 470 12.68 5.33 21.60
CA LYS A 470 12.80 6.77 21.86
C LYS A 470 11.47 7.51 21.95
N ARG A 471 10.35 6.76 21.98
CA ARG A 471 9.06 7.38 22.22
C ARG A 471 9.02 7.95 23.64
N LYS A 472 8.37 9.10 23.80
CA LYS A 472 8.28 9.76 25.09
C LYS A 472 7.02 10.60 25.17
N PRO A 473 6.56 10.93 26.40
CA PRO A 473 5.34 11.72 26.53
C PRO A 473 5.43 13.04 25.76
N GLY A 474 4.30 13.46 25.18
CA GLY A 474 4.25 14.70 24.43
C GLY A 474 4.84 14.67 23.03
N ASP A 475 5.17 13.49 22.50
CA ASP A 475 5.79 13.42 21.17
C ASP A 475 4.79 13.20 20.02
N VAL A 476 3.50 13.22 20.33
CA VAL A 476 2.45 13.11 19.32
C VAL A 476 1.81 14.47 19.04
N ASP A 477 1.70 14.79 17.76
CA ASP A 477 0.96 15.97 17.31
C ASP A 477 -0.51 15.57 17.25
N VAL A 478 -1.21 15.79 18.36
CA VAL A 478 -2.61 15.40 18.45
C VAL A 478 -3.52 16.34 17.67
N GLU A 479 -3.06 17.57 17.43
CA GLU A 479 -3.79 18.50 16.57
C GLU A 479 -4.06 17.87 15.20
N TRP A 480 -3.10 17.11 14.69
CA TRP A 480 -3.30 16.37 13.45
C TRP A 480 -4.53 15.47 13.58
N PHE A 481 -4.57 14.69 14.65
CA PHE A 481 -5.67 13.75 14.86
C PHE A 481 -7.01 14.46 15.11
N LYS A 482 -6.95 15.70 15.60
CA LYS A 482 -8.14 16.52 15.78
C LYS A 482 -8.76 17.02 14.47
N ARG A 483 -7.97 17.01 13.40
CA ARG A 483 -8.47 17.43 12.08
C ARG A 483 -9.68 16.60 11.70
N THR A 484 -10.72 17.26 11.18
CA THR A 484 -11.92 16.60 10.69
C THR A 484 -12.02 16.62 9.17
N ASP A 485 -11.06 17.25 8.49
CA ASP A 485 -11.08 17.33 7.02
C ASP A 485 -10.47 16.09 6.37
N ILE A 486 -9.82 15.26 7.18
CA ILE A 486 -9.34 13.95 6.78
C ILE A 486 -9.80 12.94 7.82
N PRO A 487 -10.00 11.68 7.41
CA PRO A 487 -10.23 10.63 8.40
C PRO A 487 -8.94 10.25 9.11
N HIS A 488 -9.03 9.36 10.09
CA HIS A 488 -7.84 8.93 10.83
C HIS A 488 -7.87 7.45 11.16
N ARG A 489 -6.68 6.90 11.40
CA ARG A 489 -6.52 5.56 11.92
C ARG A 489 -6.71 5.57 13.43
N ALA A 490 -7.17 4.45 13.96
CA ALA A 490 -7.48 4.34 15.39
C ALA A 490 -6.24 4.00 16.20
N ASN A 491 -5.22 4.85 16.15
CA ASN A 491 -3.96 4.57 16.83
C ASN A 491 -4.06 4.74 18.35
N ALA A 492 -3.37 3.88 19.08
CA ALA A 492 -3.46 3.82 20.55
C ALA A 492 -3.01 5.12 21.23
N ASP A 493 -2.09 5.85 20.60
CA ASP A 493 -1.58 7.08 21.19
C ASP A 493 -2.10 8.35 20.50
N ALA A 494 -3.22 8.23 19.79
CA ALA A 494 -3.81 9.37 19.08
C ALA A 494 -4.21 10.48 20.06
N GLY A 495 -4.62 10.09 21.26
CA GLY A 495 -4.82 11.04 22.35
C GLY A 495 -6.13 11.82 22.29
N VAL A 496 -6.91 11.64 21.24
CA VAL A 496 -8.15 12.39 21.07
C VAL A 496 -9.22 11.53 20.42
N GLU A 497 -10.43 12.08 20.32
CA GLU A 497 -11.54 11.42 19.61
C GLU A 497 -11.32 11.48 18.11
N ILE A 498 -11.63 10.39 17.42
CA ILE A 498 -11.50 10.33 15.96
C ILE A 498 -12.87 10.05 15.31
#